data_1WO1
# 
_entry.id   1WO1 
# 
_audit_conform.dict_name       mmcif_pdbx.dic 
_audit_conform.dict_version    5.398 
_audit_conform.dict_location   http://mmcif.pdb.org/dictionaries/ascii/mmcif_pdbx.dic 
# 
loop_
_database_2.database_id 
_database_2.database_code 
_database_2.pdbx_database_accession 
_database_2.pdbx_DOI 
PDB   1WO1         pdb_00001wo1 10.2210/pdb1wo1/pdb 
RCSB  RCSB023799   ?            ?                   
WWPDB D_1000023799 ?            ?                   
# 
loop_
_pdbx_audit_revision_history.ordinal 
_pdbx_audit_revision_history.data_content_type 
_pdbx_audit_revision_history.major_revision 
_pdbx_audit_revision_history.minor_revision 
_pdbx_audit_revision_history.revision_date 
1 'Structure model' 1 0 2005-08-09 
2 'Structure model' 1 1 2008-04-30 
3 'Structure model' 1 2 2011-07-13 
4 'Structure model' 1 3 2022-03-02 
5 'Structure model' 1 4 2024-11-06 
# 
_pdbx_audit_revision_details.ordinal             1 
_pdbx_audit_revision_details.revision_ordinal    1 
_pdbx_audit_revision_details.data_content_type   'Structure model' 
_pdbx_audit_revision_details.provider            repository 
_pdbx_audit_revision_details.type                'Initial release' 
_pdbx_audit_revision_details.description         ? 
_pdbx_audit_revision_details.details             ? 
# 
loop_
_pdbx_audit_revision_group.ordinal 
_pdbx_audit_revision_group.revision_ordinal 
_pdbx_audit_revision_group.data_content_type 
_pdbx_audit_revision_group.group 
1 2 'Structure model' 'Version format compliance' 
2 3 'Structure model' 'Version format compliance' 
3 4 'Structure model' 'Database references'       
4 4 'Structure model' 'Derived calculations'      
5 5 'Structure model' 'Data collection'           
6 5 'Structure model' 'Structure summary'         
# 
loop_
_pdbx_audit_revision_category.ordinal 
_pdbx_audit_revision_category.revision_ordinal 
_pdbx_audit_revision_category.data_content_type 
_pdbx_audit_revision_category.category 
1 4 'Structure model' database_2                
2 4 'Structure model' pdbx_struct_assembly      
3 4 'Structure model' pdbx_struct_oper_list     
4 4 'Structure model' struct_conn               
5 4 'Structure model' struct_site               
6 5 'Structure model' chem_comp_atom            
7 5 'Structure model' chem_comp_bond            
8 5 'Structure model' pdbx_entry_details        
9 5 'Structure model' pdbx_modification_feature 
# 
loop_
_pdbx_audit_revision_item.ordinal 
_pdbx_audit_revision_item.revision_ordinal 
_pdbx_audit_revision_item.data_content_type 
_pdbx_audit_revision_item.item 
1 4 'Structure model' '_database_2.pdbx_DOI'                
2 4 'Structure model' '_database_2.pdbx_database_accession' 
3 4 'Structure model' '_struct_conn.pdbx_leaving_atom_flag' 
4 4 'Structure model' '_struct_site.pdbx_auth_asym_id'      
5 4 'Structure model' '_struct_site.pdbx_auth_comp_id'      
6 4 'Structure model' '_struct_site.pdbx_auth_seq_id'       
# 
_pdbx_database_status.status_code                     REL 
_pdbx_database_status.entry_id                        1WO1 
_pdbx_database_status.recvd_initial_deposition_date   2004-08-11 
_pdbx_database_status.deposit_site                    PDBJ 
_pdbx_database_status.process_site                    PDBJ 
_pdbx_database_status.status_code_sf                  ? 
_pdbx_database_status.status_code_mr                  ? 
_pdbx_database_status.SG_entry                        ? 
_pdbx_database_status.pdb_format_compatible           Y 
_pdbx_database_status.status_code_cs                  ? 
_pdbx_database_status.status_code_nmr_data            ? 
_pdbx_database_status.methods_development_category    ? 
# 
_pdbx_database_related.db_name        PDB 
_pdbx_database_related.db_id          1WO0 
_pdbx_database_related.details        'The same protein in H2O' 
_pdbx_database_related.content_type   unspecified 
# 
loop_
_audit_author.name 
_audit_author.pdbx_ordinal 
'Mizuguchi, M.' 1 
'Kamata, S.'    2 
'Kawabata, S.'  3 
'Fujitani, N.'  4 
'Kawano, K.'    5 
# 
_citation.id                        primary 
_citation.title                     'Solution structure of tachyplesin I in dodecylphosphocholine' 
_citation.journal_abbrev            'to be published' 
_citation.journal_volume            ? 
_citation.page_first                ? 
_citation.page_last                 ? 
_citation.year                      ? 
_citation.journal_id_ASTM           ? 
_citation.country                   ? 
_citation.journal_id_ISSN           ? 
_citation.journal_id_CSD            0353 
_citation.book_publisher            ? 
_citation.pdbx_database_id_PubMed   ? 
_citation.pdbx_database_id_DOI      ? 
# 
loop_
_citation_author.citation_id 
_citation_author.name 
_citation_author.ordinal 
_citation_author.identifier_ORCID 
primary 'Mizuguchi, M.' 1 ? 
primary 'Kamata, S.'    2 ? 
primary 'Kawabata, S.'  3 ? 
primary 'Fujitani, N.'  4 ? 
primary 'Kawano, K.'    5 ? 
# 
_entity.id                         1 
_entity.type                       polymer 
_entity.src_method                 nat 
_entity.pdbx_description           'Tachyplesin I' 
_entity.formula_weight             2272.814 
_entity.pdbx_number_of_molecules   1 
_entity.pdbx_ec                    ? 
_entity.pdbx_mutation              ? 
_entity.pdbx_fragment              ? 
_entity.details                    ? 
# 
_entity_poly.entity_id                      1 
_entity_poly.type                           'polypeptide(L)' 
_entity_poly.nstd_linkage                   no 
_entity_poly.nstd_monomer                   yes 
_entity_poly.pdbx_seq_one_letter_code       'KWCFRVCYRGICYRRCR(NH2)' 
_entity_poly.pdbx_seq_one_letter_code_can   KWCFRVCYRGICYRRCRX 
_entity_poly.pdbx_strand_id                 A 
_entity_poly.pdbx_target_identifier         ? 
# 
loop_
_entity_poly_seq.entity_id 
_entity_poly_seq.num 
_entity_poly_seq.mon_id 
_entity_poly_seq.hetero 
1 1  LYS n 
1 2  TRP n 
1 3  CYS n 
1 4  PHE n 
1 5  ARG n 
1 6  VAL n 
1 7  CYS n 
1 8  TYR n 
1 9  ARG n 
1 10 GLY n 
1 11 ILE n 
1 12 CYS n 
1 13 TYR n 
1 14 ARG n 
1 15 ARG n 
1 16 CYS n 
1 17 ARG n 
1 18 NH2 n 
# 
_entity_src_nat.entity_id                  1 
_entity_src_nat.pdbx_src_id                1 
_entity_src_nat.pdbx_alt_source_flag       sample 
_entity_src_nat.pdbx_beg_seq_num           ? 
_entity_src_nat.pdbx_end_seq_num           ? 
_entity_src_nat.common_name                ? 
_entity_src_nat.pdbx_organism_scientific   'Tachypleus tridentatus' 
_entity_src_nat.pdbx_ncbi_taxonomy_id      6853 
_entity_src_nat.genus                      Tachypleus 
_entity_src_nat.species                    ? 
_entity_src_nat.strain                     ? 
_entity_src_nat.tissue                     HEMOCYTE 
_entity_src_nat.tissue_fraction            ? 
_entity_src_nat.pdbx_secretion             ? 
_entity_src_nat.pdbx_fragment              ? 
_entity_src_nat.pdbx_variant               ? 
_entity_src_nat.pdbx_cell_line             ? 
_entity_src_nat.pdbx_atcc                  ? 
_entity_src_nat.pdbx_cellular_location     ? 
_entity_src_nat.pdbx_organ                 ? 
_entity_src_nat.pdbx_organelle             ? 
_entity_src_nat.pdbx_cell                  ? 
_entity_src_nat.pdbx_plasmid_name          ? 
_entity_src_nat.pdbx_plasmid_details       ? 
_entity_src_nat.details                    ? 
# 
loop_
_chem_comp.id 
_chem_comp.type 
_chem_comp.mon_nstd_flag 
_chem_comp.name 
_chem_comp.pdbx_synonyms 
_chem_comp.formula 
_chem_comp.formula_weight 
ARG 'L-peptide linking' y ARGININE      ? 'C6 H15 N4 O2 1' 175.209 
CYS 'L-peptide linking' y CYSTEINE      ? 'C3 H7 N O2 S'   121.158 
GLY 'peptide linking'   y GLYCINE       ? 'C2 H5 N O2'     75.067  
ILE 'L-peptide linking' y ISOLEUCINE    ? 'C6 H13 N O2'    131.173 
LYS 'L-peptide linking' y LYSINE        ? 'C6 H15 N2 O2 1' 147.195 
NH2 non-polymer         . 'AMINO GROUP' ? 'H2 N'           16.023  
PHE 'L-peptide linking' y PHENYLALANINE ? 'C9 H11 N O2'    165.189 
TRP 'L-peptide linking' y TRYPTOPHAN    ? 'C11 H12 N2 O2'  204.225 
TYR 'L-peptide linking' y TYROSINE      ? 'C9 H11 N O3'    181.189 
VAL 'L-peptide linking' y VALINE        ? 'C5 H11 N O2'    117.146 
# 
loop_
_pdbx_poly_seq_scheme.asym_id 
_pdbx_poly_seq_scheme.entity_id 
_pdbx_poly_seq_scheme.seq_id 
_pdbx_poly_seq_scheme.mon_id 
_pdbx_poly_seq_scheme.ndb_seq_num 
_pdbx_poly_seq_scheme.pdb_seq_num 
_pdbx_poly_seq_scheme.auth_seq_num 
_pdbx_poly_seq_scheme.pdb_mon_id 
_pdbx_poly_seq_scheme.auth_mon_id 
_pdbx_poly_seq_scheme.pdb_strand_id 
_pdbx_poly_seq_scheme.pdb_ins_code 
_pdbx_poly_seq_scheme.hetero 
A 1 1  LYS 1  1  1  LYS LYS A . n 
A 1 2  TRP 2  2  2  TRP TRP A . n 
A 1 3  CYS 3  3  3  CYS CYS A . n 
A 1 4  PHE 4  4  4  PHE PHE A . n 
A 1 5  ARG 5  5  5  ARG ARG A . n 
A 1 6  VAL 6  6  6  VAL VAL A . n 
A 1 7  CYS 7  7  7  CYS CYS A . n 
A 1 8  TYR 8  8  8  TYR TYR A . n 
A 1 9  ARG 9  9  9  ARG ARG A . n 
A 1 10 GLY 10 10 10 GLY GLY A . n 
A 1 11 ILE 11 11 11 ILE ILE A . n 
A 1 12 CYS 12 12 12 CYS CYS A . n 
A 1 13 TYR 13 13 13 TYR TYR A . n 
A 1 14 ARG 14 14 14 ARG ARG A . n 
A 1 15 ARG 15 15 15 ARG ARG A . n 
A 1 16 CYS 16 16 16 CYS CYS A . n 
A 1 17 ARG 17 17 17 ARG ARG A . n 
A 1 18 NH2 18 18 17 NH2 ARG A . n 
# 
_exptl.entry_id          1WO1 
_exptl.method            'SOLUTION NMR' 
_exptl.crystals_number   ? 
# 
_struct.entry_id                  1WO1 
_struct.title                     'Tachyplesin I in dodecylphosphocholine micelles' 
_struct.pdbx_model_details        ? 
_struct.pdbx_CASP_flag            ? 
_struct.pdbx_model_type_details   'minimized average' 
# 
_struct_keywords.entry_id        1WO1 
_struct_keywords.pdbx_keywords   'ANTIBIOTIC, ANTIMICROBIAL PROTEIN' 
_struct_keywords.text            'TACHYPLESIN, DPC, DODECYLPHOSPHOCHOL, ANTIBIOTIC, ANTIMICROBIAL PROTEIN' 
# 
_struct_asym.id                            A 
_struct_asym.pdbx_blank_PDB_chainid_flag   N 
_struct_asym.pdbx_modified                 N 
_struct_asym.entity_id                     1 
_struct_asym.details                       ? 
# 
_struct_ref.id                         1 
_struct_ref.db_name                    UNP 
_struct_ref.db_code                    TAC1_TACTR 
_struct_ref.pdbx_db_accession          P14213 
_struct_ref.entity_id                  1 
_struct_ref.pdbx_seq_one_letter_code   KWCFRVCYRGICYRRCR 
_struct_ref.pdbx_align_begin           24 
_struct_ref.pdbx_db_isoform            ? 
# 
_struct_ref_seq.align_id                      1 
_struct_ref_seq.ref_id                        1 
_struct_ref_seq.pdbx_PDB_id_code              1WO1 
_struct_ref_seq.pdbx_strand_id                A 
_struct_ref_seq.seq_align_beg                 1 
_struct_ref_seq.pdbx_seq_align_beg_ins_code   ? 
_struct_ref_seq.seq_align_end                 17 
_struct_ref_seq.pdbx_seq_align_end_ins_code   ? 
_struct_ref_seq.pdbx_db_accession             P14213 
_struct_ref_seq.db_align_beg                  24 
_struct_ref_seq.pdbx_db_align_beg_ins_code    ? 
_struct_ref_seq.db_align_end                  40 
_struct_ref_seq.pdbx_db_align_end_ins_code    ? 
_struct_ref_seq.pdbx_auth_seq_align_beg       1 
_struct_ref_seq.pdbx_auth_seq_align_end       17 
# 
_pdbx_struct_assembly.id                   1 
_pdbx_struct_assembly.details              author_defined_assembly 
_pdbx_struct_assembly.method_details       ? 
_pdbx_struct_assembly.oligomeric_details   monomeric 
_pdbx_struct_assembly.oligomeric_count     1 
# 
_pdbx_struct_assembly_gen.assembly_id       1 
_pdbx_struct_assembly_gen.oper_expression   1 
_pdbx_struct_assembly_gen.asym_id_list      A 
# 
_pdbx_struct_oper_list.id                   1 
_pdbx_struct_oper_list.type                 'identity operation' 
_pdbx_struct_oper_list.name                 1_555 
_pdbx_struct_oper_list.symmetry_operation   x,y,z 
_pdbx_struct_oper_list.matrix[1][1]         1.0000000000 
_pdbx_struct_oper_list.matrix[1][2]         0.0000000000 
_pdbx_struct_oper_list.matrix[1][3]         0.0000000000 
_pdbx_struct_oper_list.vector[1]            0.0000000000 
_pdbx_struct_oper_list.matrix[2][1]         0.0000000000 
_pdbx_struct_oper_list.matrix[2][2]         1.0000000000 
_pdbx_struct_oper_list.matrix[2][3]         0.0000000000 
_pdbx_struct_oper_list.vector[2]            0.0000000000 
_pdbx_struct_oper_list.matrix[3][1]         0.0000000000 
_pdbx_struct_oper_list.matrix[3][2]         0.0000000000 
_pdbx_struct_oper_list.matrix[3][3]         1.0000000000 
_pdbx_struct_oper_list.vector[3]            0.0000000000 
# 
_struct_biol.id        1 
_struct_biol.details   ? 
# 
loop_
_struct_conn.id 
_struct_conn.conn_type_id 
_struct_conn.pdbx_leaving_atom_flag 
_struct_conn.pdbx_PDB_id 
_struct_conn.ptnr1_label_asym_id 
_struct_conn.ptnr1_label_comp_id 
_struct_conn.ptnr1_label_seq_id 
_struct_conn.ptnr1_label_atom_id 
_struct_conn.pdbx_ptnr1_label_alt_id 
_struct_conn.pdbx_ptnr1_PDB_ins_code 
_struct_conn.pdbx_ptnr1_standard_comp_id 
_struct_conn.ptnr1_symmetry 
_struct_conn.ptnr2_label_asym_id 
_struct_conn.ptnr2_label_comp_id 
_struct_conn.ptnr2_label_seq_id 
_struct_conn.ptnr2_label_atom_id 
_struct_conn.pdbx_ptnr2_label_alt_id 
_struct_conn.pdbx_ptnr2_PDB_ins_code 
_struct_conn.ptnr1_auth_asym_id 
_struct_conn.ptnr1_auth_comp_id 
_struct_conn.ptnr1_auth_seq_id 
_struct_conn.ptnr2_auth_asym_id 
_struct_conn.ptnr2_auth_comp_id 
_struct_conn.ptnr2_auth_seq_id 
_struct_conn.ptnr2_symmetry 
_struct_conn.pdbx_ptnr3_label_atom_id 
_struct_conn.pdbx_ptnr3_label_seq_id 
_struct_conn.pdbx_ptnr3_label_comp_id 
_struct_conn.pdbx_ptnr3_label_asym_id 
_struct_conn.pdbx_ptnr3_label_alt_id 
_struct_conn.pdbx_ptnr3_PDB_ins_code 
_struct_conn.details 
_struct_conn.pdbx_dist_value 
_struct_conn.pdbx_value_order 
_struct_conn.pdbx_role 
disulf1 disulf ?    ? A CYS 3  SG ? ? ? 1_555 A CYS 16 SG ? ? A CYS 3  A CYS 16 1_555 ? ? ? ? ? ? ? 2.021 ? ? 
disulf2 disulf ?    ? A CYS 7  SG ? ? ? 1_555 A CYS 12 SG ? ? A CYS 7  A CYS 12 1_555 ? ? ? ? ? ? ? 2.022 ? ? 
covale1 covale both ? A ARG 17 C  ? ? ? 1_555 A NH2 18 N  ? ? A ARG 17 A NH2 18 1_555 ? ? ? ? ? ? ? 1.307 ? ? 
# 
loop_
_struct_conn_type.id 
_struct_conn_type.criteria 
_struct_conn_type.reference 
disulf ? ? 
covale ? ? 
# 
loop_
_pdbx_modification_feature.ordinal 
_pdbx_modification_feature.label_comp_id 
_pdbx_modification_feature.label_asym_id 
_pdbx_modification_feature.label_seq_id 
_pdbx_modification_feature.label_alt_id 
_pdbx_modification_feature.modified_residue_label_comp_id 
_pdbx_modification_feature.modified_residue_label_asym_id 
_pdbx_modification_feature.modified_residue_label_seq_id 
_pdbx_modification_feature.modified_residue_label_alt_id 
_pdbx_modification_feature.auth_comp_id 
_pdbx_modification_feature.auth_asym_id 
_pdbx_modification_feature.auth_seq_id 
_pdbx_modification_feature.PDB_ins_code 
_pdbx_modification_feature.symmetry 
_pdbx_modification_feature.modified_residue_auth_comp_id 
_pdbx_modification_feature.modified_residue_auth_asym_id 
_pdbx_modification_feature.modified_residue_auth_seq_id 
_pdbx_modification_feature.modified_residue_PDB_ins_code 
_pdbx_modification_feature.modified_residue_symmetry 
_pdbx_modification_feature.comp_id_linking_atom 
_pdbx_modification_feature.modified_residue_id_linking_atom 
_pdbx_modification_feature.modified_residue_id 
_pdbx_modification_feature.ref_pcm_id 
_pdbx_modification_feature.ref_comp_id 
_pdbx_modification_feature.type 
_pdbx_modification_feature.category 
1 NH2 A 18 ? ARG A 17 ? NH2 A 18 ? 1_555 ARG A 17 ? 1_555 .  .  ARG 8 NH2 None 'Terminal amidation' 
2 CYS A 3  ? CYS A 16 ? CYS A 3  ? 1_555 CYS A 16 ? 1_555 SG SG .   . .   None 'Disulfide bridge'   
3 CYS A 7  ? CYS A 12 ? CYS A 7  ? 1_555 CYS A 12 ? 1_555 SG SG .   . .   None 'Disulfide bridge'   
# 
_struct_sheet.id               A 
_struct_sheet.type             ? 
_struct_sheet.number_strands   2 
_struct_sheet.details          ? 
# 
_struct_sheet_order.sheet_id     A 
_struct_sheet_order.range_id_1   1 
_struct_sheet_order.range_id_2   2 
_struct_sheet_order.offset       ? 
_struct_sheet_order.sense        anti-parallel 
# 
loop_
_struct_sheet_range.sheet_id 
_struct_sheet_range.id 
_struct_sheet_range.beg_label_comp_id 
_struct_sheet_range.beg_label_asym_id 
_struct_sheet_range.beg_label_seq_id 
_struct_sheet_range.pdbx_beg_PDB_ins_code 
_struct_sheet_range.end_label_comp_id 
_struct_sheet_range.end_label_asym_id 
_struct_sheet_range.end_label_seq_id 
_struct_sheet_range.pdbx_end_PDB_ins_code 
_struct_sheet_range.beg_auth_comp_id 
_struct_sheet_range.beg_auth_asym_id 
_struct_sheet_range.beg_auth_seq_id 
_struct_sheet_range.end_auth_comp_id 
_struct_sheet_range.end_auth_asym_id 
_struct_sheet_range.end_auth_seq_id 
A 1 PHE A 4  ? TYR A 8  ? PHE A 4  TYR A 8  
A 2 ILE A 11 ? ARG A 15 ? ILE A 11 ARG A 15 
# 
_pdbx_struct_sheet_hbond.sheet_id                A 
_pdbx_struct_sheet_hbond.range_id_1              1 
_pdbx_struct_sheet_hbond.range_id_2              2 
_pdbx_struct_sheet_hbond.range_1_label_atom_id   N 
_pdbx_struct_sheet_hbond.range_1_label_comp_id   TYR 
_pdbx_struct_sheet_hbond.range_1_label_asym_id   A 
_pdbx_struct_sheet_hbond.range_1_label_seq_id    8 
_pdbx_struct_sheet_hbond.range_1_PDB_ins_code    ? 
_pdbx_struct_sheet_hbond.range_1_auth_atom_id    N 
_pdbx_struct_sheet_hbond.range_1_auth_comp_id    TYR 
_pdbx_struct_sheet_hbond.range_1_auth_asym_id    A 
_pdbx_struct_sheet_hbond.range_1_auth_seq_id     8 
_pdbx_struct_sheet_hbond.range_2_label_atom_id   O 
_pdbx_struct_sheet_hbond.range_2_label_comp_id   ILE 
_pdbx_struct_sheet_hbond.range_2_label_asym_id   A 
_pdbx_struct_sheet_hbond.range_2_label_seq_id    11 
_pdbx_struct_sheet_hbond.range_2_PDB_ins_code    ? 
_pdbx_struct_sheet_hbond.range_2_auth_atom_id    O 
_pdbx_struct_sheet_hbond.range_2_auth_comp_id    ILE 
_pdbx_struct_sheet_hbond.range_2_auth_asym_id    A 
_pdbx_struct_sheet_hbond.range_2_auth_seq_id     11 
# 
_struct_site.id                   AC1 
_struct_site.pdbx_evidence_code   Software 
_struct_site.pdbx_auth_asym_id    A 
_struct_site.pdbx_auth_comp_id    NH2 
_struct_site.pdbx_auth_seq_id     18 
_struct_site.pdbx_auth_ins_code   ? 
_struct_site.pdbx_num_residues    1 
_struct_site.details              'BINDING SITE FOR RESIDUE NH2 A 18' 
# 
_struct_site_gen.id                   1 
_struct_site_gen.site_id              AC1 
_struct_site_gen.pdbx_num_res         1 
_struct_site_gen.label_comp_id        ARG 
_struct_site_gen.label_asym_id        A 
_struct_site_gen.label_seq_id         17 
_struct_site_gen.pdbx_auth_ins_code   ? 
_struct_site_gen.auth_comp_id         ARG 
_struct_site_gen.auth_asym_id         A 
_struct_site_gen.auth_seq_id          17 
_struct_site_gen.label_atom_id        . 
_struct_site_gen.label_alt_id         ? 
_struct_site_gen.symmetry             1_555 
_struct_site_gen.details              ? 
# 
_pdbx_entry_details.entry_id                   1WO1 
_pdbx_entry_details.compound_details           ? 
_pdbx_entry_details.source_details             ? 
_pdbx_entry_details.nonpolymer_details         ? 
_pdbx_entry_details.sequence_details           ? 
_pdbx_entry_details.has_ligand_of_interest     ? 
_pdbx_entry_details.has_protein_modification   Y 
# 
loop_
_pdbx_validate_torsion.id 
_pdbx_validate_torsion.PDB_model_num 
_pdbx_validate_torsion.auth_comp_id 
_pdbx_validate_torsion.auth_asym_id 
_pdbx_validate_torsion.auth_seq_id 
_pdbx_validate_torsion.PDB_ins_code 
_pdbx_validate_torsion.label_alt_id 
_pdbx_validate_torsion.phi 
_pdbx_validate_torsion.psi 
1 1 CYS A 3 ? ? -128.33 -57.47 
2 1 ARG A 9 ? ? -9.25   -64.28 
# 
loop_
_pdbx_validate_planes.id 
_pdbx_validate_planes.PDB_model_num 
_pdbx_validate_planes.auth_comp_id 
_pdbx_validate_planes.auth_asym_id 
_pdbx_validate_planes.auth_seq_id 
_pdbx_validate_planes.PDB_ins_code 
_pdbx_validate_planes.label_alt_id 
_pdbx_validate_planes.rmsd 
_pdbx_validate_planes.type 
1 1 ARG A 5  ? ? 0.251 'SIDE CHAIN' 
2 1 ARG A 9  ? ? 0.318 'SIDE CHAIN' 
3 1 ARG A 14 ? ? 0.313 'SIDE CHAIN' 
4 1 ARG A 15 ? ? 0.306 'SIDE CHAIN' 
5 1 ARG A 17 ? ? 0.317 'SIDE CHAIN' 
# 
_pdbx_nmr_ensemble.entry_id                                      1WO1 
_pdbx_nmr_ensemble.conformers_calculated_total_number            ? 
_pdbx_nmr_ensemble.conformers_submitted_total_number             1 
_pdbx_nmr_ensemble.conformer_selection_criteria                  ? 
_pdbx_nmr_ensemble.average_constraints_per_residue               ? 
_pdbx_nmr_ensemble.average_constraint_violations_per_residue     ? 
_pdbx_nmr_ensemble.maximum_distance_constraint_violation         ? 
_pdbx_nmr_ensemble.average_distance_constraint_violation         ? 
_pdbx_nmr_ensemble.maximum_upper_distance_constraint_violation   ? 
_pdbx_nmr_ensemble.maximum_lower_distance_constraint_violation   ? 
_pdbx_nmr_ensemble.distance_constraint_violation_method          ? 
_pdbx_nmr_ensemble.maximum_torsion_angle_constraint_violation    ? 
_pdbx_nmr_ensemble.average_torsion_angle_constraint_violation    ? 
_pdbx_nmr_ensemble.torsion_angle_constraint_violation_method     ? 
# 
_pdbx_nmr_representative.entry_id             1WO1 
_pdbx_nmr_representative.conformer_id         ? 
_pdbx_nmr_representative.selection_criteria   'minimized average structure' 
# 
_pdbx_nmr_sample_details.solution_id      1 
_pdbx_nmr_sample_details.contents         '1.0MM TACHYPLESIN, 60MM DPC' 
_pdbx_nmr_sample_details.solvent_system   ? 
# 
_pdbx_nmr_exptl_sample_conditions.conditions_id       1 
_pdbx_nmr_exptl_sample_conditions.temperature         303 
_pdbx_nmr_exptl_sample_conditions.pressure            AMBIENT 
_pdbx_nmr_exptl_sample_conditions.pH                  3.6 
_pdbx_nmr_exptl_sample_conditions.ionic_strength      ? 
_pdbx_nmr_exptl_sample_conditions.pressure_units      ? 
_pdbx_nmr_exptl_sample_conditions.temperature_units   K 
# 
loop_
_pdbx_nmr_exptl.experiment_id 
_pdbx_nmr_exptl.conditions_id 
_pdbx_nmr_exptl.type 
_pdbx_nmr_exptl.solution_id 
1 1 '2D NOESY' 1 
2 1 '2D TOCSY' 1 
3 1 DQF-COSY   1 
# 
_pdbx_nmr_refine.entry_id           1WO1 
_pdbx_nmr_refine.method             'DISTANCE GEOMETRY, SIMULATED ANNEALING' 
_pdbx_nmr_refine.details            ? 
_pdbx_nmr_refine.software_ordinal   1 
# 
loop_
_pdbx_nmr_software.classification 
_pdbx_nmr_software.name 
_pdbx_nmr_software.version 
_pdbx_nmr_software.authors 
_pdbx_nmr_software.ordinal 
'structure solution' X-PLOR  3.1 ? 1 
processing           NMRPipe ?   ? 2 
'data analysis'      XEASY   ?   ? 3 
refinement           X-PLOR  3.1 ? 4 
# 
loop_
_chem_comp_atom.comp_id 
_chem_comp_atom.atom_id 
_chem_comp_atom.type_symbol 
_chem_comp_atom.pdbx_aromatic_flag 
_chem_comp_atom.pdbx_stereo_config 
_chem_comp_atom.pdbx_ordinal 
ARG N    N N N 1   
ARG CA   C N S 2   
ARG C    C N N 3   
ARG O    O N N 4   
ARG CB   C N N 5   
ARG CG   C N N 6   
ARG CD   C N N 7   
ARG NE   N N N 8   
ARG CZ   C N N 9   
ARG NH1  N N N 10  
ARG NH2  N N N 11  
ARG OXT  O N N 12  
ARG H    H N N 13  
ARG H2   H N N 14  
ARG HA   H N N 15  
ARG HB2  H N N 16  
ARG HB3  H N N 17  
ARG HG2  H N N 18  
ARG HG3  H N N 19  
ARG HD2  H N N 20  
ARG HD3  H N N 21  
ARG HE   H N N 22  
ARG HH11 H N N 23  
ARG HH12 H N N 24  
ARG HH21 H N N 25  
ARG HH22 H N N 26  
ARG HXT  H N N 27  
CYS N    N N N 28  
CYS CA   C N R 29  
CYS C    C N N 30  
CYS O    O N N 31  
CYS CB   C N N 32  
CYS SG   S N N 33  
CYS OXT  O N N 34  
CYS H    H N N 35  
CYS H2   H N N 36  
CYS HA   H N N 37  
CYS HB2  H N N 38  
CYS HB3  H N N 39  
CYS HG   H N N 40  
CYS HXT  H N N 41  
GLY N    N N N 42  
GLY CA   C N N 43  
GLY C    C N N 44  
GLY O    O N N 45  
GLY OXT  O N N 46  
GLY H    H N N 47  
GLY H2   H N N 48  
GLY HA2  H N N 49  
GLY HA3  H N N 50  
GLY HXT  H N N 51  
ILE N    N N N 52  
ILE CA   C N S 53  
ILE C    C N N 54  
ILE O    O N N 55  
ILE CB   C N S 56  
ILE CG1  C N N 57  
ILE CG2  C N N 58  
ILE CD1  C N N 59  
ILE OXT  O N N 60  
ILE H    H N N 61  
ILE H2   H N N 62  
ILE HA   H N N 63  
ILE HB   H N N 64  
ILE HG12 H N N 65  
ILE HG13 H N N 66  
ILE HG21 H N N 67  
ILE HG22 H N N 68  
ILE HG23 H N N 69  
ILE HD11 H N N 70  
ILE HD12 H N N 71  
ILE HD13 H N N 72  
ILE HXT  H N N 73  
LYS N    N N N 74  
LYS CA   C N S 75  
LYS C    C N N 76  
LYS O    O N N 77  
LYS CB   C N N 78  
LYS CG   C N N 79  
LYS CD   C N N 80  
LYS CE   C N N 81  
LYS NZ   N N N 82  
LYS OXT  O N N 83  
LYS H    H N N 84  
LYS H2   H N N 85  
LYS HA   H N N 86  
LYS HB2  H N N 87  
LYS HB3  H N N 88  
LYS HG2  H N N 89  
LYS HG3  H N N 90  
LYS HD2  H N N 91  
LYS HD3  H N N 92  
LYS HE2  H N N 93  
LYS HE3  H N N 94  
LYS HZ1  H N N 95  
LYS HZ2  H N N 96  
LYS HZ3  H N N 97  
LYS HXT  H N N 98  
NH2 N    N N N 99  
NH2 HN1  H N N 100 
NH2 HN2  H N N 101 
PHE N    N N N 102 
PHE CA   C N S 103 
PHE C    C N N 104 
PHE O    O N N 105 
PHE CB   C N N 106 
PHE CG   C Y N 107 
PHE CD1  C Y N 108 
PHE CD2  C Y N 109 
PHE CE1  C Y N 110 
PHE CE2  C Y N 111 
PHE CZ   C Y N 112 
PHE OXT  O N N 113 
PHE H    H N N 114 
PHE H2   H N N 115 
PHE HA   H N N 116 
PHE HB2  H N N 117 
PHE HB3  H N N 118 
PHE HD1  H N N 119 
PHE HD2  H N N 120 
PHE HE1  H N N 121 
PHE HE2  H N N 122 
PHE HZ   H N N 123 
PHE HXT  H N N 124 
TRP N    N N N 125 
TRP CA   C N S 126 
TRP C    C N N 127 
TRP O    O N N 128 
TRP CB   C N N 129 
TRP CG   C Y N 130 
TRP CD1  C Y N 131 
TRP CD2  C Y N 132 
TRP NE1  N Y N 133 
TRP CE2  C Y N 134 
TRP CE3  C Y N 135 
TRP CZ2  C Y N 136 
TRP CZ3  C Y N 137 
TRP CH2  C Y N 138 
TRP OXT  O N N 139 
TRP H    H N N 140 
TRP H2   H N N 141 
TRP HA   H N N 142 
TRP HB2  H N N 143 
TRP HB3  H N N 144 
TRP HD1  H N N 145 
TRP HE1  H N N 146 
TRP HE3  H N N 147 
TRP HZ2  H N N 148 
TRP HZ3  H N N 149 
TRP HH2  H N N 150 
TRP HXT  H N N 151 
TYR N    N N N 152 
TYR CA   C N S 153 
TYR C    C N N 154 
TYR O    O N N 155 
TYR CB   C N N 156 
TYR CG   C Y N 157 
TYR CD1  C Y N 158 
TYR CD2  C Y N 159 
TYR CE1  C Y N 160 
TYR CE2  C Y N 161 
TYR CZ   C Y N 162 
TYR OH   O N N 163 
TYR OXT  O N N 164 
TYR H    H N N 165 
TYR H2   H N N 166 
TYR HA   H N N 167 
TYR HB2  H N N 168 
TYR HB3  H N N 169 
TYR HD1  H N N 170 
TYR HD2  H N N 171 
TYR HE1  H N N 172 
TYR HE2  H N N 173 
TYR HH   H N N 174 
TYR HXT  H N N 175 
VAL N    N N N 176 
VAL CA   C N S 177 
VAL C    C N N 178 
VAL O    O N N 179 
VAL CB   C N N 180 
VAL CG1  C N N 181 
VAL CG2  C N N 182 
VAL OXT  O N N 183 
VAL H    H N N 184 
VAL H2   H N N 185 
VAL HA   H N N 186 
VAL HB   H N N 187 
VAL HG11 H N N 188 
VAL HG12 H N N 189 
VAL HG13 H N N 190 
VAL HG21 H N N 191 
VAL HG22 H N N 192 
VAL HG23 H N N 193 
VAL HXT  H N N 194 
# 
loop_
_chem_comp_bond.comp_id 
_chem_comp_bond.atom_id_1 
_chem_comp_bond.atom_id_2 
_chem_comp_bond.value_order 
_chem_comp_bond.pdbx_aromatic_flag 
_chem_comp_bond.pdbx_stereo_config 
_chem_comp_bond.pdbx_ordinal 
ARG N   CA   sing N N 1   
ARG N   H    sing N N 2   
ARG N   H2   sing N N 3   
ARG CA  C    sing N N 4   
ARG CA  CB   sing N N 5   
ARG CA  HA   sing N N 6   
ARG C   O    doub N N 7   
ARG C   OXT  sing N N 8   
ARG CB  CG   sing N N 9   
ARG CB  HB2  sing N N 10  
ARG CB  HB3  sing N N 11  
ARG CG  CD   sing N N 12  
ARG CG  HG2  sing N N 13  
ARG CG  HG3  sing N N 14  
ARG CD  NE   sing N N 15  
ARG CD  HD2  sing N N 16  
ARG CD  HD3  sing N N 17  
ARG NE  CZ   sing N N 18  
ARG NE  HE   sing N N 19  
ARG CZ  NH1  sing N N 20  
ARG CZ  NH2  doub N N 21  
ARG NH1 HH11 sing N N 22  
ARG NH1 HH12 sing N N 23  
ARG NH2 HH21 sing N N 24  
ARG NH2 HH22 sing N N 25  
ARG OXT HXT  sing N N 26  
CYS N   CA   sing N N 27  
CYS N   H    sing N N 28  
CYS N   H2   sing N N 29  
CYS CA  C    sing N N 30  
CYS CA  CB   sing N N 31  
CYS CA  HA   sing N N 32  
CYS C   O    doub N N 33  
CYS C   OXT  sing N N 34  
CYS CB  SG   sing N N 35  
CYS CB  HB2  sing N N 36  
CYS CB  HB3  sing N N 37  
CYS SG  HG   sing N N 38  
CYS OXT HXT  sing N N 39  
GLY N   CA   sing N N 40  
GLY N   H    sing N N 41  
GLY N   H2   sing N N 42  
GLY CA  C    sing N N 43  
GLY CA  HA2  sing N N 44  
GLY CA  HA3  sing N N 45  
GLY C   O    doub N N 46  
GLY C   OXT  sing N N 47  
GLY OXT HXT  sing N N 48  
ILE N   CA   sing N N 49  
ILE N   H    sing N N 50  
ILE N   H2   sing N N 51  
ILE CA  C    sing N N 52  
ILE CA  CB   sing N N 53  
ILE CA  HA   sing N N 54  
ILE C   O    doub N N 55  
ILE C   OXT  sing N N 56  
ILE CB  CG1  sing N N 57  
ILE CB  CG2  sing N N 58  
ILE CB  HB   sing N N 59  
ILE CG1 CD1  sing N N 60  
ILE CG1 HG12 sing N N 61  
ILE CG1 HG13 sing N N 62  
ILE CG2 HG21 sing N N 63  
ILE CG2 HG22 sing N N 64  
ILE CG2 HG23 sing N N 65  
ILE CD1 HD11 sing N N 66  
ILE CD1 HD12 sing N N 67  
ILE CD1 HD13 sing N N 68  
ILE OXT HXT  sing N N 69  
LYS N   CA   sing N N 70  
LYS N   H    sing N N 71  
LYS N   H2   sing N N 72  
LYS CA  C    sing N N 73  
LYS CA  CB   sing N N 74  
LYS CA  HA   sing N N 75  
LYS C   O    doub N N 76  
LYS C   OXT  sing N N 77  
LYS CB  CG   sing N N 78  
LYS CB  HB2  sing N N 79  
LYS CB  HB3  sing N N 80  
LYS CG  CD   sing N N 81  
LYS CG  HG2  sing N N 82  
LYS CG  HG3  sing N N 83  
LYS CD  CE   sing N N 84  
LYS CD  HD2  sing N N 85  
LYS CD  HD3  sing N N 86  
LYS CE  NZ   sing N N 87  
LYS CE  HE2  sing N N 88  
LYS CE  HE3  sing N N 89  
LYS NZ  HZ1  sing N N 90  
LYS NZ  HZ2  sing N N 91  
LYS NZ  HZ3  sing N N 92  
LYS OXT HXT  sing N N 93  
NH2 N   HN1  sing N N 94  
NH2 N   HN2  sing N N 95  
PHE N   CA   sing N N 96  
PHE N   H    sing N N 97  
PHE N   H2   sing N N 98  
PHE CA  C    sing N N 99  
PHE CA  CB   sing N N 100 
PHE CA  HA   sing N N 101 
PHE C   O    doub N N 102 
PHE C   OXT  sing N N 103 
PHE CB  CG   sing N N 104 
PHE CB  HB2  sing N N 105 
PHE CB  HB3  sing N N 106 
PHE CG  CD1  doub Y N 107 
PHE CG  CD2  sing Y N 108 
PHE CD1 CE1  sing Y N 109 
PHE CD1 HD1  sing N N 110 
PHE CD2 CE2  doub Y N 111 
PHE CD2 HD2  sing N N 112 
PHE CE1 CZ   doub Y N 113 
PHE CE1 HE1  sing N N 114 
PHE CE2 CZ   sing Y N 115 
PHE CE2 HE2  sing N N 116 
PHE CZ  HZ   sing N N 117 
PHE OXT HXT  sing N N 118 
TRP N   CA   sing N N 119 
TRP N   H    sing N N 120 
TRP N   H2   sing N N 121 
TRP CA  C    sing N N 122 
TRP CA  CB   sing N N 123 
TRP CA  HA   sing N N 124 
TRP C   O    doub N N 125 
TRP C   OXT  sing N N 126 
TRP CB  CG   sing N N 127 
TRP CB  HB2  sing N N 128 
TRP CB  HB3  sing N N 129 
TRP CG  CD1  doub Y N 130 
TRP CG  CD2  sing Y N 131 
TRP CD1 NE1  sing Y N 132 
TRP CD1 HD1  sing N N 133 
TRP CD2 CE2  doub Y N 134 
TRP CD2 CE3  sing Y N 135 
TRP NE1 CE2  sing Y N 136 
TRP NE1 HE1  sing N N 137 
TRP CE2 CZ2  sing Y N 138 
TRP CE3 CZ3  doub Y N 139 
TRP CE3 HE3  sing N N 140 
TRP CZ2 CH2  doub Y N 141 
TRP CZ2 HZ2  sing N N 142 
TRP CZ3 CH2  sing Y N 143 
TRP CZ3 HZ3  sing N N 144 
TRP CH2 HH2  sing N N 145 
TRP OXT HXT  sing N N 146 
TYR N   CA   sing N N 147 
TYR N   H    sing N N 148 
TYR N   H2   sing N N 149 
TYR CA  C    sing N N 150 
TYR CA  CB   sing N N 151 
TYR CA  HA   sing N N 152 
TYR C   O    doub N N 153 
TYR C   OXT  sing N N 154 
TYR CB  CG   sing N N 155 
TYR CB  HB2  sing N N 156 
TYR CB  HB3  sing N N 157 
TYR CG  CD1  doub Y N 158 
TYR CG  CD2  sing Y N 159 
TYR CD1 CE1  sing Y N 160 
TYR CD1 HD1  sing N N 161 
TYR CD2 CE2  doub Y N 162 
TYR CD2 HD2  sing N N 163 
TYR CE1 CZ   doub Y N 164 
TYR CE1 HE1  sing N N 165 
TYR CE2 CZ   sing Y N 166 
TYR CE2 HE2  sing N N 167 
TYR CZ  OH   sing N N 168 
TYR OH  HH   sing N N 169 
TYR OXT HXT  sing N N 170 
VAL N   CA   sing N N 171 
VAL N   H    sing N N 172 
VAL N   H2   sing N N 173 
VAL CA  C    sing N N 174 
VAL CA  CB   sing N N 175 
VAL CA  HA   sing N N 176 
VAL C   O    doub N N 177 
VAL C   OXT  sing N N 178 
VAL CB  CG1  sing N N 179 
VAL CB  CG2  sing N N 180 
VAL CB  HB   sing N N 181 
VAL CG1 HG11 sing N N 182 
VAL CG1 HG12 sing N N 183 
VAL CG1 HG13 sing N N 184 
VAL CG2 HG21 sing N N 185 
VAL CG2 HG22 sing N N 186 
VAL CG2 HG23 sing N N 187 
VAL OXT HXT  sing N N 188 
# 
_pdbx_nmr_spectrometer.spectrometer_id   1 
_pdbx_nmr_spectrometer.model             DMX 
_pdbx_nmr_spectrometer.manufacturer      Bruker 
_pdbx_nmr_spectrometer.field_strength    500 
_pdbx_nmr_spectrometer.type              ? 
# 
_atom_sites.entry_id                    1WO1 
_atom_sites.fract_transf_matrix[1][1]   1.000000 
_atom_sites.fract_transf_matrix[1][2]   0.000000 
_atom_sites.fract_transf_matrix[1][3]   0.000000 
_atom_sites.fract_transf_matrix[2][1]   0.000000 
_atom_sites.fract_transf_matrix[2][2]   1.000000 
_atom_sites.fract_transf_matrix[2][3]   0.000000 
_atom_sites.fract_transf_matrix[3][1]   0.000000 
_atom_sites.fract_transf_matrix[3][2]   0.000000 
_atom_sites.fract_transf_matrix[3][3]   1.000000 
_atom_sites.fract_transf_vector[1]      0.00000 
_atom_sites.fract_transf_vector[2]      0.00000 
_atom_sites.fract_transf_vector[3]      0.00000 
# 
loop_
_atom_type.symbol 
C 
H 
N 
O 
S 
# 
loop_
_atom_site.group_PDB 
_atom_site.id 
_atom_site.type_symbol 
_atom_site.label_atom_id 
_atom_site.label_alt_id 
_atom_site.label_comp_id 
_atom_site.label_asym_id 
_atom_site.label_entity_id 
_atom_site.label_seq_id 
_atom_site.pdbx_PDB_ins_code 
_atom_site.Cartn_x 
_atom_site.Cartn_y 
_atom_site.Cartn_z 
_atom_site.occupancy 
_atom_site.B_iso_or_equiv 
_atom_site.pdbx_formal_charge 
_atom_site.auth_seq_id 
_atom_site.auth_comp_id 
_atom_site.auth_asym_id 
_atom_site.auth_atom_id 
_atom_site.pdbx_PDB_model_num 
ATOM   1   N N    . LYS A 1 1  ? -11.476 -2.172 -3.586  1.00 3.17 ? 1  LYS A N    1 
ATOM   2   C CA   . LYS A 1 1  ? -10.588 -1.561 -4.624  1.00 2.73 ? 1  LYS A CA   1 
ATOM   3   C C    . LYS A 1 1  ? -9.112  -1.708 -4.228  1.00 2.08 ? 1  LYS A C    1 
ATOM   4   O O    . LYS A 1 1  ? -8.769  -1.720 -3.059  1.00 2.55 ? 1  LYS A O    1 
ATOM   5   C CB   . LYS A 1 1  ? -10.992 -0.078 -4.703  1.00 3.57 ? 1  LYS A CB   1 
ATOM   6   C CG   . LYS A 1 1  ? -10.765 0.615  -3.350  1.00 4.27 ? 1  LYS A CG   1 
ATOM   7   C CD   . LYS A 1 1  ? -9.790  1.784  -3.527  1.00 5.11 ? 1  LYS A CD   1 
ATOM   8   C CE   . LYS A 1 1  ? -10.576 3.089  -3.699  1.00 5.78 ? 1  LYS A CE   1 
ATOM   9   N NZ   . LYS A 1 1  ? -9.541  4.148  -3.879  1.00 6.49 ? 1  LYS A NZ   1 
ATOM   10  H H1   . LYS A 1 1  ? -12.444 -1.805 -3.691  1.00 3.49 ? 1  LYS A H1   1 
ATOM   11  H H2   . LYS A 1 1  ? -11.118 -1.938 -2.637  1.00 3.31 ? 1  LYS A H2   1 
ATOM   12  H H3   . LYS A 1 1  ? -11.487 -3.204 -3.705  1.00 3.53 ? 1  LYS A H3   1 
ATOM   13  H HA   . LYS A 1 1  ? -10.761 -2.033 -5.580  1.00 2.79 ? 1  LYS A HA   1 
ATOM   14  H HB2  . LYS A 1 1  ? -10.399 0.411  -5.461  1.00 3.97 ? 1  LYS A HB2  1 
ATOM   15  H HB3  . LYS A 1 1  ? -12.037 -0.008 -4.967  1.00 3.80 ? 1  LYS A HB3  1 
ATOM   16  H HG2  . LYS A 1 1  ? -11.708 0.986  -2.976  1.00 4.53 ? 1  LYS A HG2  1 
ATOM   17  H HG3  . LYS A 1 1  ? -10.352 -0.090 -2.646  1.00 4.38 ? 1  LYS A HG3  1 
ATOM   18  H HD2  . LYS A 1 1  ? -9.157  1.857  -2.655  1.00 5.31 ? 1  LYS A HD2  1 
ATOM   19  H HD3  . LYS A 1 1  ? -9.180  1.616  -4.402  1.00 5.43 ? 1  LYS A HD3  1 
ATOM   20  H HE2  . LYS A 1 1  ? -11.212 3.030  -4.572  1.00 5.92 ? 1  LYS A HE2  1 
ATOM   21  H HE3  . LYS A 1 1  ? -11.164 3.293  -2.818  1.00 5.98 ? 1  LYS A HE3  1 
ATOM   22  H HZ1  . LYS A 1 1  ? -8.903  4.156  -3.058  1.00 6.64 ? 1  LYS A HZ1  1 
ATOM   23  H HZ2  . LYS A 1 1  ? -10.008 5.075  -3.965  1.00 6.82 ? 1  LYS A HZ2  1 
ATOM   24  H HZ3  . LYS A 1 1  ? -8.993  3.956  -4.741  1.00 6.82 ? 1  LYS A HZ3  1 
ATOM   25  N N    . TRP A 1 2  ? -8.239  -1.824 -5.200  1.00 1.51 ? 2  TRP A N    1 
ATOM   26  C CA   . TRP A 1 2  ? -6.778  -1.974 -4.899  1.00 1.42 ? 2  TRP A CA   1 
ATOM   27  C C    . TRP A 1 2  ? -5.942  -1.598 -6.129  1.00 0.85 ? 2  TRP A C    1 
ATOM   28  O O    . TRP A 1 2  ? -6.190  -2.061 -7.226  1.00 1.10 ? 2  TRP A O    1 
ATOM   29  C CB   . TRP A 1 2  ? -6.552  -3.457 -4.523  1.00 2.22 ? 2  TRP A CB   1 
ATOM   30  C CG   . TRP A 1 2  ? -7.511  -4.359 -5.249  1.00 2.86 ? 2  TRP A CG   1 
ATOM   31  C CD1  . TRP A 1 2  ? -7.425  -4.702 -6.555  1.00 3.26 ? 2  TRP A CD1  1 
ATOM   32  C CD2  . TRP A 1 2  ? -8.691  -5.034 -4.725  1.00 3.84 ? 2  TRP A CD2  1 
ATOM   33  N NE1  . TRP A 1 2  ? -8.479  -5.541 -6.868  1.00 4.23 ? 2  TRP A NE1  1 
ATOM   34  C CE2  . TRP A 1 2  ? -9.288  -5.776 -5.773  1.00 4.62 ? 2  TRP A CE2  1 
ATOM   35  C CE3  . TRP A 1 2  ? -9.298  -5.073 -3.457  1.00 4.51 ? 2  TRP A CE3  1 
ATOM   36  C CZ2  . TRP A 1 2  ? -10.443 -6.530 -5.569  1.00 5.81 ? 2  TRP A CZ2  1 
ATOM   37  C CZ3  . TRP A 1 2  ? -10.461 -5.832 -3.248  1.00 5.76 ? 2  TRP A CZ3  1 
ATOM   38  C CH2  . TRP A 1 2  ? -11.032 -6.558 -4.302  1.00 6.35 ? 2  TRP A CH2  1 
ATOM   39  H H    . TRP A 1 2  ? -8.545  -1.813 -6.131  1.00 1.70 ? 2  TRP A H    1 
ATOM   40  H HA   . TRP A 1 2  ? -6.508  -1.345 -4.065  1.00 1.96 ? 2  TRP A HA   1 
ATOM   41  H HB2  . TRP A 1 2  ? -5.541  -3.737 -4.781  1.00 2.60 ? 2  TRP A HB2  1 
ATOM   42  H HB3  . TRP A 1 2  ? -6.689  -3.575 -3.459  1.00 2.67 ? 2  TRP A HB3  1 
ATOM   43  H HD1  . TRP A 1 2  ? -6.660  -4.373 -7.242  1.00 3.27 ? 2  TRP A HD1  1 
ATOM   44  H HE1  . TRP A 1 2  ? -8.648  -5.931 -7.751  1.00 4.81 ? 2  TRP A HE1  1 
ATOM   45  H HE3  . TRP A 1 2  ? -8.866  -4.518 -2.638  1.00 4.27 ? 2  TRP A HE3  1 
ATOM   46  H HZ2  . TRP A 1 2  ? -10.879 -7.088 -6.383  1.00 6.48 ? 2  TRP A HZ2  1 
ATOM   47  H HZ3  . TRP A 1 2  ? -10.918 -5.855 -2.270  1.00 6.43 ? 2  TRP A HZ3  1 
ATOM   48  H HH2  . TRP A 1 2  ? -11.927 -7.140 -4.135  1.00 7.36 ? 2  TRP A HH2  1 
ATOM   49  N N    . CYS A 1 3  ? -4.953  -0.754 -5.951  1.00 0.88 ? 3  CYS A N    1 
ATOM   50  C CA   . CYS A 1 3  ? -4.093  -0.339 -7.104  1.00 0.99 ? 3  CYS A CA   1 
ATOM   51  C C    . CYS A 1 3  ? -2.612  -0.535 -6.756  1.00 0.97 ? 3  CYS A C    1 
ATOM   52  O O    . CYS A 1 3  ? -1.894  -1.239 -7.443  1.00 1.35 ? 3  CYS A O    1 
ATOM   53  C CB   . CYS A 1 3  ? -4.392  1.149  -7.329  1.00 1.57 ? 3  CYS A CB   1 
ATOM   54  S SG   . CYS A 1 3  ? -6.181  1.434  -7.352  1.00 1.42 ? 3  CYS A SG   1 
ATOM   55  H H    . CYS A 1 3  ? -4.775  -0.393 -5.055  1.00 1.35 ? 3  CYS A H    1 
ATOM   56  H HA   . CYS A 1 3  ? -4.349  -0.902 -7.988  1.00 1.22 ? 3  CYS A HA   1 
ATOM   57  H HB2  . CYS A 1 3  ? -3.949  1.725  -6.532  1.00 1.91 ? 3  CYS A HB2  1 
ATOM   58  H HB3  . CYS A 1 3  ? -3.967  1.460  -8.272  1.00 2.17 ? 3  CYS A HB3  1 
ATOM   59  N N    . PHE A 1 4  ? -2.154  0.088  -5.695  1.00 0.69 ? 4  PHE A N    1 
ATOM   60  C CA   . PHE A 1 4  ? -0.721  -0.047 -5.292  1.00 0.70 ? 4  PHE A CA   1 
ATOM   61  C C    . PHE A 1 4  ? -0.610  -0.099 -3.763  1.00 0.61 ? 4  PHE A C    1 
ATOM   62  O O    . PHE A 1 4  ? -0.816  0.893  -3.085  1.00 0.76 ? 4  PHE A O    1 
ATOM   63  C CB   . PHE A 1 4  ? -0.043  1.213  -5.847  1.00 0.67 ? 4  PHE A CB   1 
ATOM   64  C CG   . PHE A 1 4  ? 1.460   1.077  -5.754  1.00 0.77 ? 4  PHE A CG   1 
ATOM   65  C CD1  . PHE A 1 4  ? 2.162   0.364  -6.734  1.00 1.49 ? 4  PHE A CD1  1 
ATOM   66  C CD2  . PHE A 1 4  ? 2.151   1.670  -4.691  1.00 1.34 ? 4  PHE A CD2  1 
ATOM   67  C CE1  . PHE A 1 4  ? 3.553   0.244  -6.650  1.00 1.58 ? 4  PHE A CE1  1 
ATOM   68  C CE2  . PHE A 1 4  ? 3.543   1.551  -4.607  1.00 1.42 ? 4  PHE A CE2  1 
ATOM   69  C CZ   . PHE A 1 4  ? 4.244   0.839  -5.587  1.00 1.05 ? 4  PHE A CZ   1 
ATOM   70  H H    . PHE A 1 4  ? -2.755  0.651  -5.164  1.00 0.71 ? 4  PHE A H    1 
ATOM   71  H HA   . PHE A 1 4  ? -0.284  -0.928 -5.734  1.00 0.88 ? 4  PHE A HA   1 
ATOM   72  H HB2  . PHE A 1 4  ? -0.327  1.346  -6.880  1.00 0.80 ? 4  PHE A HB2  1 
ATOM   73  H HB3  . PHE A 1 4  ? -0.361  2.071  -5.274  1.00 0.57 ? 4  PHE A HB3  1 
ATOM   74  H HD1  . PHE A 1 4  ? 1.629   -0.094 -7.554  1.00 2.26 ? 4  PHE A HD1  1 
ATOM   75  H HD2  . PHE A 1 4  ? 1.610   2.218  -3.934  1.00 2.10 ? 4  PHE A HD2  1 
ATOM   76  H HE1  . PHE A 1 4  ? 4.094   -0.305 -7.406  1.00 2.38 ? 4  PHE A HE1  1 
ATOM   77  H HE2  . PHE A 1 4  ? 4.076   2.009  -3.788  1.00 2.18 ? 4  PHE A HE2  1 
ATOM   78  H HZ   . PHE A 1 4  ? 5.318   0.746  -5.523  1.00 1.18 ? 4  PHE A HZ   1 
ATOM   79  N N    . ARG A 1 5  ? -0.291  -1.248 -3.214  1.00 0.72 ? 5  ARG A N    1 
ATOM   80  C CA   . ARG A 1 5  ? -0.171  -1.365 -1.727  1.00 0.68 ? 5  ARG A CA   1 
ATOM   81  C C    . ARG A 1 5  ? 1.236   -1.841 -1.338  1.00 0.66 ? 5  ARG A C    1 
ATOM   82  O O    . ARG A 1 5  ? 1.668   -2.909 -1.732  1.00 0.88 ? 5  ARG A O    1 
ATOM   83  C CB   . ARG A 1 5  ? -1.229  -2.399 -1.322  1.00 0.98 ? 5  ARG A CB   1 
ATOM   84  C CG   . ARG A 1 5  ? -1.373  -2.427 0.207   1.00 1.14 ? 5  ARG A CG   1 
ATOM   85  C CD   . ARG A 1 5  ? -2.774  -1.946 0.604   1.00 1.37 ? 5  ARG A CD   1 
ATOM   86  N NE   . ARG A 1 5  ? -2.557  -0.947 1.696   1.00 1.48 ? 5  ARG A NE   1 
ATOM   87  C CZ   . ARG A 1 5  ? -3.098  -1.130 2.874   1.00 2.41 ? 5  ARG A CZ   1 
ATOM   88  N NH1  . ARG A 1 5  ? -4.387  -1.335 2.982   1.00 3.17 ? 5  ARG A NH1  1 
ATOM   89  N NH2  . ARG A 1 5  ? -2.350  -1.099 3.945   1.00 3.13 ? 5  ARG A NH2  1 
ATOM   90  H H    . ARG A 1 5  ? -0.134  -2.033 -3.781  1.00 0.98 ? 5  ARG A H    1 
ATOM   91  H HA   . ARG A 1 5  ? -0.388  -0.418 -1.263  1.00 0.56 ? 5  ARG A HA   1 
ATOM   92  H HB2  . ARG A 1 5  ? -2.177  -2.135 -1.768  1.00 1.06 ? 5  ARG A HB2  1 
ATOM   93  H HB3  . ARG A 1 5  ? -0.928  -3.375 -1.670  1.00 1.17 ? 5  ARG A HB3  1 
ATOM   94  H HG2  . ARG A 1 5  ? -1.228  -3.439 0.560   1.00 1.42 ? 5  ARG A HG2  1 
ATOM   95  H HG3  . ARG A 1 5  ? -0.631  -1.782 0.652   1.00 1.25 ? 5  ARG A HG3  1 
ATOM   96  H HD2  . ARG A 1 5  ? -3.264  -1.480 -0.240  1.00 1.82 ? 5  ARG A HD2  1 
ATOM   97  H HD3  . ARG A 1 5  ? -3.364  -2.772 0.971   1.00 1.88 ? 5  ARG A HD3  1 
ATOM   98  H HE   . ARG A 1 5  ? -2.013  -0.146 1.527   1.00 1.28 ? 5  ARG A HE   1 
ATOM   99  H HH11 . ARG A 1 5  ? -4.961  -1.352 2.163   1.00 3.26 ? 5  ARG A HH11 1 
ATOM   100 H HH12 . ARG A 1 5  ? -4.799  -1.472 3.882   1.00 3.97 ? 5  ARG A HH12 1 
ATOM   101 H HH21 . ARG A 1 5  ? -1.367  -0.937 3.864   1.00 3.18 ? 5  ARG A HH21 1 
ATOM   102 H HH22 . ARG A 1 5  ? -2.761  -1.236 4.848   1.00 3.95 ? 5  ARG A HH22 1 
ATOM   103 N N    . VAL A 1 6  ? 1.951   -1.058 -0.561  1.00 0.48 ? 6  VAL A N    1 
ATOM   104 C CA   . VAL A 1 6  ? 3.330   -1.466 -0.139  1.00 0.55 ? 6  VAL A CA   1 
ATOM   105 C C    . VAL A 1 6  ? 3.317   -1.900 1.332   1.00 0.47 ? 6  VAL A C    1 
ATOM   106 O O    . VAL A 1 6  ? 2.367   -1.653 2.045   1.00 0.46 ? 6  VAL A O    1 
ATOM   107 C CB   . VAL A 1 6  ? 4.203   -0.213 -0.319  1.00 0.56 ? 6  VAL A CB   1 
ATOM   108 C CG1  . VAL A 1 6  ? 5.679   -0.589 -0.184  1.00 0.85 ? 6  VAL A CG1  1 
ATOM   109 C CG2  . VAL A 1 6  ? 3.964   0.396  -1.705  1.00 0.61 ? 6  VAL A CG2  1 
ATOM   110 H H    . VAL A 1 6  ? 1.581   -0.200 -0.250  1.00 0.42 ? 6  VAL A H    1 
ATOM   111 H HA   . VAL A 1 6  ? 3.697   -2.265 -0.765  1.00 0.77 ? 6  VAL A HA   1 
ATOM   112 H HB   . VAL A 1 6  ? 3.949   0.510  0.440   1.00 0.47 ? 6  VAL A HB   1 
ATOM   113 H HG11 . VAL A 1 6  ? 6.292   0.198  -0.599  1.00 1.29 ? 6  VAL A HG11 1 
ATOM   114 H HG12 . VAL A 1 6  ? 5.868   -1.511 -0.715  1.00 1.33 ? 6  VAL A HG12 1 
ATOM   115 H HG13 . VAL A 1 6  ? 5.922   -0.718 0.861   1.00 1.40 ? 6  VAL A HG13 1 
ATOM   116 H HG21 . VAL A 1 6  ? 4.775   1.065  -1.949  1.00 1.11 ? 6  VAL A HG21 1 
ATOM   117 H HG22 . VAL A 1 6  ? 3.034   0.944  -1.700  1.00 1.16 ? 6  VAL A HG22 1 
ATOM   118 H HG23 . VAL A 1 6  ? 3.913   -0.393 -2.442  1.00 1.23 ? 6  VAL A HG23 1 
ATOM   119 N N    . CYS A 1 7  ? 4.366   -2.541 1.792   1.00 0.54 ? 7  CYS A N    1 
ATOM   120 C CA   . CYS A 1 7  ? 4.416   -2.982 3.224   1.00 0.48 ? 7  CYS A CA   1 
ATOM   121 C C    . CYS A 1 7  ? 5.874   -3.067 3.699   1.00 0.54 ? 7  CYS A C    1 
ATOM   122 O O    . CYS A 1 7  ? 6.710   -3.670 3.050   1.00 0.85 ? 7  CYS A O    1 
ATOM   123 C CB   . CYS A 1 7  ? 3.757   -4.366 3.250   1.00 0.76 ? 7  CYS A CB   1 
ATOM   124 S SG   . CYS A 1 7  ? 1.963   -4.187 3.439   1.00 0.98 ? 7  CYS A SG   1 
ATOM   125 H H    . CYS A 1 7  ? 5.123   -2.726 1.199   1.00 0.69 ? 7  CYS A H    1 
ATOM   126 H HA   . CYS A 1 7  ? 3.860   -2.298 3.844   1.00 0.36 ? 7  CYS A HA   1 
ATOM   127 H HB2  . CYS A 1 7  ? 3.971   -4.884 2.327   1.00 0.94 ? 7  CYS A HB2  1 
ATOM   128 H HB3  . CYS A 1 7  ? 4.150   -4.935 4.079   1.00 0.81 ? 7  CYS A HB3  1 
ATOM   129 N N    . TYR A 1 8  ? 6.185   -2.460 4.821   1.00 0.49 ? 8  TYR A N    1 
ATOM   130 C CA   . TYR A 1 8  ? 7.589   -2.495 5.340   1.00 0.70 ? 8  TYR A CA   1 
ATOM   131 C C    . TYR A 1 8  ? 7.623   -2.995 6.787   1.00 0.57 ? 8  TYR A C    1 
ATOM   132 O O    . TYR A 1 8  ? 6.597   -3.346 7.332   1.00 0.42 ? 8  TYR A O    1 
ATOM   133 C CB   . TYR A 1 8  ? 8.065   -1.037 5.286   1.00 0.87 ? 8  TYR A CB   1 
ATOM   134 C CG   . TYR A 1 8  ? 9.572   -1.002 5.378   1.00 1.19 ? 8  TYR A CG   1 
ATOM   135 C CD1  . TYR A 1 8  ? 10.330  -1.985 4.739   1.00 1.91 ? 8  TYR A CD1  1 
ATOM   136 C CD2  . TYR A 1 8  ? 10.207  -0.007 6.123   1.00 1.71 ? 8  TYR A CD2  1 
ATOM   137 C CE1  . TYR A 1 8  ? 11.715  -1.977 4.848   1.00 2.16 ? 8  TYR A CE1  1 
ATOM   138 C CE2  . TYR A 1 8  ? 11.601  0.003  6.229   1.00 1.94 ? 8  TYR A CE2  1 
ATOM   139 C CZ   . TYR A 1 8  ? 12.356  -0.985 5.594   1.00 1.82 ? 8  TYR A CZ   1 
ATOM   140 O OH   . TYR A 1 8  ? 13.732  -0.977 5.698   1.00 2.13 ? 8  TYR A OH   1 
ATOM   141 H H    . TYR A 1 8  ? 5.493   -1.972 5.322   1.00 0.56 ? 8  TYR A H    1 
ATOM   142 H HA   . TYR A 1 8  ? 8.211   -3.110 4.712   1.00 0.92 ? 8  TYR A HA   1 
ATOM   143 H HB2  . TYR A 1 8  ? 7.744   -0.587 4.367   1.00 0.91 ? 8  TYR A HB2  1 
ATOM   144 H HB3  . TYR A 1 8  ? 7.644   -0.493 6.118   1.00 0.80 ? 8  TYR A HB3  1 
ATOM   145 H HD1  . TYR A 1 8  ? 9.841   -2.754 4.167   1.00 2.59 ? 8  TYR A HD1  1 
ATOM   146 H HD2  . TYR A 1 8  ? 9.624   0.737  6.637   1.00 2.35 ? 8  TYR A HD2  1 
ATOM   147 H HE1  . TYR A 1 8  ? 12.285  -2.745 4.371   1.00 2.93 ? 8  TYR A HE1  1 
ATOM   148 H HE2  . TYR A 1 8  ? 12.089  0.768  6.807   1.00 2.63 ? 8  TYR A HE2  1 
ATOM   149 H HH   . TYR A 1 8  ? 13.978  -1.548 6.429   1.00 2.48 ? 8  TYR A HH   1 
ATOM   150 N N    . ARG A 1 9  ? 8.816   -3.024 7.389   1.00 0.74 ? 9  ARG A N    1 
ATOM   151 C CA   . ARG A 1 9  ? 9.008   -3.485 8.822   1.00 0.68 ? 9  ARG A CA   1 
ATOM   152 C C    . ARG A 1 9  ? 7.678   -3.690 9.557   1.00 0.47 ? 9  ARG A C    1 
ATOM   153 O O    . ARG A 1 9  ? 7.328   -4.789 9.944   1.00 0.58 ? 9  ARG A O    1 
ATOM   154 C CB   . ARG A 1 9  ? 9.813   -2.380 9.566   1.00 0.84 ? 9  ARG A CB   1 
ATOM   155 C CG   . ARG A 1 9  ? 10.099  -1.136 8.717   1.00 1.08 ? 9  ARG A CG   1 
ATOM   156 C CD   . ARG A 1 9  ? 8.963   -0.106 8.849   1.00 1.71 ? 9  ARG A CD   1 
ATOM   157 N NE   . ARG A 1 9  ? 8.839   0.175  10.309  1.00 2.33 ? 9  ARG A NE   1 
ATOM   158 C CZ   . ARG A 1 9  ? 9.514   1.158  10.846  1.00 3.17 ? 9  ARG A CZ   1 
ATOM   159 N NH1  . ARG A 1 9  ? 10.717  0.946  11.315  1.00 3.79 ? 9  ARG A NH1  1 
ATOM   160 N NH2  . ARG A 1 9  ? 8.986   2.354  10.909  1.00 3.87 ? 9  ARG A NH2  1 
ATOM   161 H H    . ARG A 1 9  ? 9.610   -2.743 6.878   1.00 0.95 ? 9  ARG A H    1 
ATOM   162 H HA   . ARG A 1 9  ? 9.573   -4.403 8.834   1.00 0.83 ? 9  ARG A HA   1 
ATOM   163 H HB2  . ARG A 1 9  ? 9.261   -2.073 10.432  1.00 0.78 ? 9  ARG A HB2  1 
ATOM   164 H HB3  . ARG A 1 9  ? 10.745  -2.794 9.880   1.00 0.97 ? 9  ARG A HB3  1 
ATOM   165 H HG2  . ARG A 1 9  ? 11.021  -0.686 9.055   1.00 1.46 ? 9  ARG A HG2  1 
ATOM   166 H HG3  . ARG A 1 9  ? 10.208  -1.421 7.694   1.00 1.36 ? 9  ARG A HG3  1 
ATOM   167 H HD2  . ARG A 1 9  ? 9.221   0.800  8.318   1.00 2.01 ? 9  ARG A HD2  1 
ATOM   168 H HD3  . ARG A 1 9  ? 8.041   -0.511 8.469   1.00 1.98 ? 9  ARG A HD3  1 
ATOM   169 H HE   . ARG A 1 9  ? 8.248   -0.374 10.866  1.00 2.32 ? 9  ARG A HE   1 
ATOM   170 H HH11 . ARG A 1 9  ? 11.120  0.031  11.262  1.00 3.77 ? 9  ARG A HH11 1 
ATOM   171 H HH12 . ARG A 1 9  ? 11.235  1.696  11.726  1.00 4.56 ? 9  ARG A HH12 1 
ATOM   172 H HH21 . ARG A 1 9  ? 8.068   2.515  10.547  1.00 3.91 ? 9  ARG A HH21 1 
ATOM   173 H HH22 . ARG A 1 9  ? 9.500   3.108  11.320  1.00 4.62 ? 9  ARG A HH22 1 
ATOM   174 N N    . GLY A 1 10 ? 6.945   -2.625 9.737   1.00 0.45 ? 10 GLY A N    1 
ATOM   175 C CA   . GLY A 1 10 ? 5.625   -2.706 10.435  1.00 0.61 ? 10 GLY A CA   1 
ATOM   176 C C    . GLY A 1 10 ? 4.727   -1.557 9.961   1.00 0.75 ? 10 GLY A C    1 
ATOM   177 O O    . GLY A 1 10 ? 4.057   -0.917 10.751  1.00 1.04 ? 10 GLY A O    1 
ATOM   178 H H    . GLY A 1 10 ? 7.267   -1.765 9.396   1.00 0.54 ? 10 GLY A H    1 
ATOM   179 H HA2  . GLY A 1 10 ? 5.154   -3.651 10.205  1.00 0.65 ? 10 GLY A HA2  1 
ATOM   180 H HA3  . GLY A 1 10 ? 5.774   -2.626 11.501  1.00 0.74 ? 10 GLY A HA3  1 
ATOM   181 N N    . ILE A 1 11 ? 4.715   -1.290 8.675   1.00 0.67 ? 11 ILE A N    1 
ATOM   182 C CA   . ILE A 1 11 ? 3.871   -0.181 8.132   1.00 0.87 ? 11 ILE A CA   1 
ATOM   183 C C    . ILE A 1 11 ? 3.610   -0.417 6.635   1.00 0.69 ? 11 ILE A C    1 
ATOM   184 O O    . ILE A 1 11 ? 4.517   -0.708 5.882   1.00 0.61 ? 11 ILE A O    1 
ATOM   185 C CB   . ILE A 1 11 ? 4.696   1.100  8.382   1.00 1.07 ? 11 ILE A CB   1 
ATOM   186 C CG1  . ILE A 1 11 ? 3.773   2.330  8.362   1.00 1.36 ? 11 ILE A CG1  1 
ATOM   187 C CG2  . ILE A 1 11 ? 5.802   1.261  7.328   1.00 0.98 ? 11 ILE A CG2  1 
ATOM   188 C CD1  . ILE A 1 11 ? 3.189   2.538  6.961   1.00 1.21 ? 11 ILE A CD1  1 
ATOM   189 H H    . ILE A 1 11 ? 5.268   -1.821 8.063   1.00 0.61 ? 11 ILE A H    1 
ATOM   190 H HA   . ILE A 1 11 ? 2.937   -0.127 8.670   1.00 1.08 ? 11 ILE A HA   1 
ATOM   191 H HB   . ILE A 1 11 ? 5.158   1.026  9.356   1.00 1.15 ? 11 ILE A HB   1 
ATOM   192 H HG12 . ILE A 1 11 ? 2.967   2.182  9.067   1.00 1.52 ? 11 ILE A HG12 1 
ATOM   193 H HG13 . ILE A 1 11 ? 4.338   3.205  8.647   1.00 1.56 ? 11 ILE A HG13 1 
ATOM   194 H HG21 . ILE A 1 11 ? 5.360   1.516  6.375   1.00 1.05 ? 11 ILE A HG21 1 
ATOM   195 H HG22 . ILE A 1 11 ? 6.349   0.334  7.235   1.00 0.80 ? 11 ILE A HG22 1 
ATOM   196 H HG23 . ILE A 1 11 ? 6.477   2.047  7.633   1.00 1.14 ? 11 ILE A HG23 1 
ATOM   197 H HD11 . ILE A 1 11 ? 2.208   2.091  6.910   1.00 1.27 ? 11 ILE A HD11 1 
ATOM   198 H HD12 . ILE A 1 11 ? 3.834   2.076  6.227   1.00 1.66 ? 11 ILE A HD12 1 
ATOM   199 H HD13 . ILE A 1 11 ? 3.112   3.596  6.757   1.00 1.72 ? 11 ILE A HD13 1 
ATOM   200 N N    . CYS A 1 12 ? 2.377   -0.304 6.201   1.00 0.80 ? 12 CYS A N    1 
ATOM   201 C CA   . CYS A 1 12 ? 2.073   -0.533 4.753   1.00 0.65 ? 12 CYS A CA   1 
ATOM   202 C C    . CYS A 1 12 ? 1.566   0.748  4.085   1.00 0.74 ? 12 CYS A C    1 
ATOM   203 O O    . CYS A 1 12 ? 1.405   1.776  4.718   1.00 0.99 ? 12 CYS A O    1 
ATOM   204 C CB   . CYS A 1 12 ? 0.996   -1.619 4.728   1.00 0.87 ? 12 CYS A CB   1 
ATOM   205 S SG   . CYS A 1 12 ? 1.729   -3.211 5.194   1.00 0.96 ? 12 CYS A SG   1 
ATOM   206 H H    . CYS A 1 12 ? 1.656   -0.074 6.825   1.00 1.03 ? 12 CYS A H    1 
ATOM   207 H HA   . CYS A 1 12 ? 2.955   -0.888 4.243   1.00 0.44 ? 12 CYS A HA   1 
ATOM   208 H HB2  . CYS A 1 12 ? 0.212   -1.364 5.421   1.00 1.09 ? 12 CYS A HB2  1 
ATOM   209 H HB3  . CYS A 1 12 ? 0.584   -1.692 3.733   1.00 0.88 ? 12 CYS A HB3  1 
ATOM   210 N N    . TYR A 1 13 ? 1.328   0.690  2.800   1.00 0.60 ? 13 TYR A N    1 
ATOM   211 C CA   . TYR A 1 13 ? 0.847   1.894  2.057   1.00 0.72 ? 13 TYR A CA   1 
ATOM   212 C C    . TYR A 1 13 ? -0.297  1.532  1.108   1.00 0.68 ? 13 TYR A C    1 
ATOM   213 O O    . TYR A 1 13 ? -0.377  0.427  0.617   1.00 0.65 ? 13 TYR A O    1 
ATOM   214 C CB   . TYR A 1 13 ? 2.061   2.364  1.257   1.00 0.69 ? 13 TYR A CB   1 
ATOM   215 C CG   . TYR A 1 13 ? 2.534   3.685  1.801   1.00 1.01 ? 13 TYR A CG   1 
ATOM   216 C CD1  . TYR A 1 13 ? 1.779   4.839  1.578   1.00 1.62 ? 13 TYR A CD1  1 
ATOM   217 C CD2  . TYR A 1 13 ? 3.723   3.752  2.531   1.00 1.61 ? 13 TYR A CD2  1 
ATOM   218 C CE1  . TYR A 1 13 ? 2.214   6.067  2.085   1.00 1.86 ? 13 TYR A CE1  1 
ATOM   219 C CE2  . TYR A 1 13 ? 4.162   4.979  3.041   1.00 1.86 ? 13 TYR A CE2  1 
ATOM   220 C CZ   . TYR A 1 13 ? 3.407   6.138  2.818   1.00 1.65 ? 13 TYR A CZ   1 
ATOM   221 O OH   . TYR A 1 13 ? 3.837   7.349  3.321   1.00 1.97 ? 13 TYR A OH   1 
ATOM   222 H H    . TYR A 1 13 ? 1.479   -0.152 2.318   1.00 0.48 ? 13 TYR A H    1 
ATOM   223 H HA   . TYR A 1 13 ? 0.538   2.664  2.745   1.00 0.96 ? 13 TYR A HA   1 
ATOM   224 H HB2  . TYR A 1 13 ? 2.853   1.635  1.341   1.00 0.56 ? 13 TYR A HB2  1 
ATOM   225 H HB3  . TYR A 1 13 ? 1.786   2.480  0.219   1.00 0.67 ? 13 TYR A HB3  1 
ATOM   226 H HD1  . TYR A 1 13 ? 0.861   4.781  1.012   1.00 2.24 ? 13 TYR A HD1  1 
ATOM   227 H HD2  . TYR A 1 13 ? 4.303   2.855  2.698   1.00 2.22 ? 13 TYR A HD2  1 
ATOM   228 H HE1  . TYR A 1 13 ? 1.629   6.958  1.914   1.00 2.55 ? 13 TYR A HE1  1 
ATOM   229 H HE2  . TYR A 1 13 ? 5.081   5.032  3.605   1.00 2.55 ? 13 TYR A HE2  1 
ATOM   230 H HH   . TYR A 1 13 ? 3.573   7.399  4.243   1.00 2.36 ? 13 TYR A HH   1 
ATOM   231 N N    . ARG A 1 14 ? -1.176  2.467  0.845   1.00 0.82 ? 14 ARG A N    1 
ATOM   232 C CA   . ARG A 1 14 ? -2.325  2.206  -0.082  1.00 0.84 ? 14 ARG A CA   1 
ATOM   233 C C    . ARG A 1 14 ? -2.594  3.447  -0.945  1.00 0.88 ? 14 ARG A C    1 
ATOM   234 O O    . ARG A 1 14 ? -3.038  4.469  -0.454  1.00 1.16 ? 14 ARG A O    1 
ATOM   235 C CB   . ARG A 1 14 ? -3.552  1.889  0.800   1.00 1.22 ? 14 ARG A CB   1 
ATOM   236 C CG   . ARG A 1 14 ? -3.399  2.490  2.206   1.00 1.67 ? 14 ARG A CG   1 
ATOM   237 C CD   . ARG A 1 14 ? -4.590  2.070  3.076   1.00 2.43 ? 14 ARG A CD   1 
ATOM   238 N NE   . ARG A 1 14 ? -4.010  1.783  4.421   1.00 3.05 ? 14 ARG A NE   1 
ATOM   239 C CZ   . ARG A 1 14 ? -4.767  1.846  5.485   1.00 3.85 ? 14 ARG A CZ   1 
ATOM   240 N NH1  . ARG A 1 14 ? -5.050  3.007  6.019   1.00 4.50 ? 14 ARG A NH1  1 
ATOM   241 N NH2  . ARG A 1 14 ? -5.241  0.749  6.016   1.00 4.38 ? 14 ARG A NH2  1 
ATOM   242 H H    . ARG A 1 14 ? -1.077  3.349  1.256   1.00 0.97 ? 14 ARG A H    1 
ATOM   243 H HA   . ARG A 1 14 ? -2.105  1.360  -0.715  1.00 0.70 ? 14 ARG A HA   1 
ATOM   244 H HB2  . ARG A 1 14 ? -4.437  2.298  0.336   1.00 1.51 ? 14 ARG A HB2  1 
ATOM   245 H HB3  . ARG A 1 14 ? -3.662  0.820  0.881   1.00 1.52 ? 14 ARG A HB3  1 
ATOM   246 H HG2  . ARG A 1 14 ? -2.484  2.131  2.653   1.00 1.84 ? 14 ARG A HG2  1 
ATOM   247 H HG3  . ARG A 1 14 ? -3.369  3.566  2.137   1.00 1.84 ? 14 ARG A HG3  1 
ATOM   248 H HD2  . ARG A 1 14 ? -5.309  2.876  3.138   1.00 2.62 ? 14 ARG A HD2  1 
ATOM   249 H HD3  . ARG A 1 14 ? -5.053  1.181  2.675   1.00 2.93 ? 14 ARG A HD3  1 
ATOM   250 H HE   . ARG A 1 14 ? -3.063  1.543  4.508   1.00 3.24 ? 14 ARG A HE   1 
ATOM   251 H HH11 . ARG A 1 14 ? -4.686  3.846  5.614   1.00 4.51 ? 14 ARG A HH11 1 
ATOM   252 H HH12 . ARG A 1 14 ? -5.629  3.056  6.833   1.00 5.22 ? 14 ARG A HH12 1 
ATOM   253 H HH21 . ARG A 1 14 ? -5.023  -0.138 5.608   1.00 4.31 ? 14 ARG A HH21 1 
ATOM   254 H HH22 . ARG A 1 14 ? -5.820  0.796  6.829   1.00 5.09 ? 14 ARG A HH22 1 
ATOM   255 N N    . ARG A 1 15 ? -2.324  3.362  -2.226  1.00 0.75 ? 15 ARG A N    1 
ATOM   256 C CA   . ARG A 1 15 ? -2.560  4.531  -3.131  1.00 0.95 ? 15 ARG A CA   1 
ATOM   257 C C    . ARG A 1 15 ? -3.172  4.064  -4.457  1.00 0.66 ? 15 ARG A C    1 
ATOM   258 O O    . ARG A 1 15 ? -2.708  3.114  -5.063  1.00 0.66 ? 15 ARG A O    1 
ATOM   259 C CB   . ARG A 1 15 ? -1.175  5.144  -3.364  1.00 1.26 ? 15 ARG A CB   1 
ATOM   260 C CG   . ARG A 1 15 ? -1.331  6.595  -3.827  1.00 1.91 ? 15 ARG A CG   1 
ATOM   261 C CD   . ARG A 1 15 ? -0.185  6.960  -4.778  1.00 2.42 ? 15 ARG A CD   1 
ATOM   262 N NE   . ARG A 1 15 ? 0.767   7.758  -3.952  1.00 2.90 ? 15 ARG A NE   1 
ATOM   263 C CZ   . ARG A 1 15 ? 2.048   7.508  -4.004  1.00 3.65 ? 15 ARG A CZ   1 
ATOM   264 N NH1  . ARG A 1 15 ? 2.534   6.452  -3.403  1.00 4.29 ? 15 ARG A NH1  1 
ATOM   265 N NH2  . ARG A 1 15 ? 2.844   8.316  -4.656  1.00 4.20 ? 15 ARG A NH2  1 
ATOM   266 H H    . ARG A 1 15 ? -1.966  2.526  -2.595  1.00 0.64 ? 15 ARG A H    1 
ATOM   267 H HA   . ARG A 1 15 ? -3.205  5.251  -2.653  1.00 1.31 ? 15 ARG A HA   1 
ATOM   268 H HB2  . ARG A 1 15 ? -0.611  5.118  -2.443  1.00 1.31 ? 15 ARG A HB2  1 
ATOM   269 H HB3  . ARG A 1 15 ? -0.655  4.579  -4.122  1.00 1.40 ? 15 ARG A HB3  1 
ATOM   270 H HG2  . ARG A 1 15 ? -2.274  6.710  -4.342  1.00 2.23 ? 15 ARG A HG2  1 
ATOM   271 H HG3  . ARG A 1 15 ? -1.307  7.251  -2.970  1.00 2.35 ? 15 ARG A HG3  1 
ATOM   272 H HD2  . ARG A 1 15 ? 0.294   6.065  -5.150  1.00 2.70 ? 15 ARG A HD2  1 
ATOM   273 H HD3  . ARG A 1 15 ? -0.552  7.559  -5.597  1.00 2.90 ? 15 ARG A HD3  1 
ATOM   274 H HE   . ARG A 1 15 ? 0.430   8.472  -3.369  1.00 3.06 ? 15 ARG A HE   1 
ATOM   275 H HH11 . ARG A 1 15 ? 1.925   5.836  -2.903  1.00 4.33 ? 15 ARG A HH11 1 
ATOM   276 H HH12 . ARG A 1 15 ? 3.516   6.260  -3.443  1.00 4.99 ? 15 ARG A HH12 1 
ATOM   277 H HH21 . ARG A 1 15 ? 2.472   9.123  -5.114  1.00 4.16 ? 15 ARG A HH21 1 
ATOM   278 H HH22 . ARG A 1 15 ? 3.825   8.126  -4.698  1.00 4.92 ? 15 ARG A HH22 1 
ATOM   279 N N    . CYS A 1 16 ? -4.208  4.728  -4.911  1.00 0.80 ? 16 CYS A N    1 
ATOM   280 C CA   . CYS A 1 16 ? -4.857  4.331  -6.200  1.00 0.79 ? 16 CYS A CA   1 
ATOM   281 C C    . CYS A 1 16 ? -4.750  5.464  -7.230  1.00 0.85 ? 16 CYS A C    1 
ATOM   282 O O    . CYS A 1 16 ? -4.662  6.627  -6.879  1.00 1.62 ? 16 CYS A O    1 
ATOM   283 C CB   . CYS A 1 16 ? -6.324  4.063  -5.847  1.00 1.15 ? 16 CYS A CB   1 
ATOM   284 S SG   . CYS A 1 16 ? -6.566  2.291  -5.562  1.00 1.67 ? 16 CYS A SG   1 
ATOM   285 H H    . CYS A 1 16 ? -4.561  5.490  -4.404  1.00 1.08 ? 16 CYS A H    1 
ATOM   286 H HA   . CYS A 1 16 ? -4.405  3.433  -6.586  1.00 0.84 ? 16 CYS A HA   1 
ATOM   287 H HB2  . CYS A 1 16 ? -6.585  4.610  -4.953  1.00 1.33 ? 16 CYS A HB2  1 
ATOM   288 H HB3  . CYS A 1 16 ? -6.954  4.386  -6.662  1.00 1.25 ? 16 CYS A HB3  1 
ATOM   289 N N    . ARG A 1 17 ? -4.762  5.126  -8.497  1.00 1.20 ? 17 ARG A N    1 
ATOM   290 C CA   . ARG A 1 17 ? -4.666  6.172  -9.563  1.00 1.46 ? 17 ARG A CA   1 
ATOM   291 C C    . ARG A 1 17 ? -5.941  6.175  -10.419 1.00 2.28 ? 17 ARG A C    1 
ATOM   292 O O    . ARG A 1 17 ? -6.580  7.197  -10.579 1.00 2.98 ? 17 ARG A O    1 
ATOM   293 C CB   . ARG A 1 17 ? -3.451  5.777  -10.409 1.00 2.41 ? 17 ARG A CB   1 
ATOM   294 C CG   . ARG A 1 17 ? -2.183  6.387  -9.805  1.00 3.04 ? 17 ARG A CG   1 
ATOM   295 C CD   . ARG A 1 17 ? -1.236  6.818  -10.929 1.00 4.06 ? 17 ARG A CD   1 
ATOM   296 N NE   . ARG A 1 17 ? -0.247  7.722  -10.275 1.00 4.96 ? 17 ARG A NE   1 
ATOM   297 C CZ   . ARG A 1 17 ? 1.020   7.400  -10.251 1.00 5.77 ? 17 ARG A CZ   1 
ATOM   298 N NH1  . ARG A 1 17 ? 1.493   6.681  -9.266  1.00 6.34 ? 17 ARG A NH1  1 
ATOM   299 N NH2  . ARG A 1 17 ? 1.813   7.798  -11.213 1.00 6.34 ? 17 ARG A NH2  1 
ATOM   300 H H    . ARG A 1 17 ? -4.839  4.181  -8.749  1.00 1.83 ? 17 ARG A H    1 
ATOM   301 H HA   . ARG A 1 17 ? -4.509  7.145  -9.124  1.00 1.41 ? 17 ARG A HA   1 
ATOM   302 H HB2  . ARG A 1 17 ? -3.360  4.700  -10.427 1.00 2.97 ? 17 ARG A HB2  1 
ATOM   303 H HB3  . ARG A 1 17 ? -3.580  6.143  -11.416 1.00 2.85 ? 17 ARG A HB3  1 
ATOM   304 H HG2  . ARG A 1 17 ? -2.447  7.248  -9.206  1.00 3.28 ? 17 ARG A HG2  1 
ATOM   305 H HG3  . ARG A 1 17 ? -1.692  5.653  -9.185  1.00 3.24 ? 17 ARG A HG3  1 
ATOM   306 H HD2  . ARG A 1 17 ? -0.739  5.954  -11.351 1.00 4.40 ? 17 ARG A HD2  1 
ATOM   307 H HD3  . ARG A 1 17 ? -1.777  7.354  -11.693 1.00 4.25 ? 17 ARG A HD3  1 
ATOM   308 H HE   . ARG A 1 17 ? -0.546  8.558  -9.861  1.00 5.19 ? 17 ARG A HE   1 
ATOM   309 H HH11 . ARG A 1 17 ? 0.886   6.378  -8.531  1.00 6.20 ? 17 ARG A HH11 1 
ATOM   310 H HH12 . ARG A 1 17 ? 2.462   6.434  -9.245  1.00 7.09 ? 17 ARG A HH12 1 
ATOM   311 H HH21 . ARG A 1 17 ? 1.450   8.348  -11.966 1.00 6.20 ? 17 ARG A HH21 1 
ATOM   312 H HH22 . ARG A 1 17 ? 2.783   7.553  -11.197 1.00 7.09 ? 17 ARG A HH22 1 
HETATM 313 N N    . NH2 A 1 18 ? -6.341  5.066  -10.982 1.00 2.93 ? 18 NH2 A N    1 
HETATM 314 H HN1  . NH2 A 1 18 ? -5.829  4.238  -10.858 1.00 2.96 ? 18 NH2 A HN1  1 
HETATM 315 H HN2  . NH2 A 1 18 ? -7.153  5.061  -11.531 1.00 3.72 ? 18 NH2 A HN2  1 
# 
